data_4O91
#
_entry.id   4O91
#
_cell.length_a   58.214
_cell.length_b   132.905
_cell.length_c   145.498
_cell.angle_alpha   90.00
_cell.angle_beta   90.00
_cell.angle_gamma   90.00
#
_symmetry.space_group_name_H-M   'I 2 2 2'
#
loop_
_entity.id
_entity.type
_entity.pdbx_description
1 polymer 'Mitogen-activated protein kinase kinase kinase 7/TGF-beta-activated kinase 1 and MAP3K7-binding protein 1 chimera'
2 non-polymer N-{4-[(4-ethylpiperazin-1-yl)methyl]-3-(trifluoromethyl)phenyl}-4-methyl-3-(1H-pyrrolo[2,3-b]pyridin-4-yloxy)benzamide
3 water water
#
_entity_poly.entity_id   1
_entity_poly.type   'polypeptide(L)'
_entity_poly.pdbx_seq_one_letter_code
;SLHMIDYKEIEVEEVVGRGAFGVVCKAKWRAKDVAIKQIESESERKAFIVELRQLSRVNHPNIVKLYGACLNPVCLVMEY
AEGGSLYNVLHGAEPLPYYTAAHAMSWCLQCSQGVAYLHSMQPKALIHRDLKPPNLLLVAGGTVLKICDFGTACDIQTHM
TNNKGSAAWMAPEVFEGSNYSEKCDVFSWGIILWEVITRRKPFDEIGGPAFRIMWAVHNGTRPPLIKNLPKPIESLMTRC
WSKDPSQRPSMEEIVKIMTHLMRYFPGADEPLQYPCQHSLPPGEDGRVEPYVDFAEFYRLWSVDHGEQSVVTAP
;
_entity_poly.pdbx_strand_id   A
#
loop_
_chem_comp.id
_chem_comp.type
_chem_comp.name
_chem_comp.formula
NG2 non-polymer N-{4-[(4-ethylpiperazin-1-yl)methyl]-3-(trifluoromethyl)phenyl}-4-methyl-3-(1H-pyrrolo[2,3-b]pyridin-4-yloxy)benzamide 'C29 H30 F3 N5 O2'
#
# COMPACT_ATOMS: atom_id res chain seq x y z
N SER A 1 -10.59 -11.08 22.44
CA SER A 1 -10.11 -10.86 21.09
C SER A 1 -11.22 -10.33 20.17
N LEU A 2 -12.03 -11.23 19.63
CA LEU A 2 -13.10 -10.82 18.70
C LEU A 2 -14.48 -10.82 19.33
N HIS A 3 -15.43 -10.18 18.63
CA HIS A 3 -16.81 -10.13 19.05
C HIS A 3 -17.67 -10.86 18.03
N MET A 4 -18.30 -11.96 18.44
CA MET A 4 -19.09 -12.78 17.52
C MET A 4 -20.30 -12.04 16.98
N ILE A 5 -20.68 -12.39 15.75
CA ILE A 5 -21.79 -11.72 15.09
C ILE A 5 -22.77 -12.74 14.54
N ASP A 6 -24.05 -12.41 14.56
CA ASP A 6 -25.05 -13.26 13.95
C ASP A 6 -25.34 -12.82 12.53
N TYR A 7 -25.36 -13.76 11.60
CA TYR A 7 -25.44 -13.44 10.17
C TYR A 7 -26.74 -12.75 9.80
N LYS A 8 -27.78 -12.89 10.63
CA LYS A 8 -29.06 -12.24 10.36
C LYS A 8 -29.00 -10.73 10.61
N GLU A 9 -28.01 -10.30 11.38
CA GLU A 9 -27.81 -8.88 11.64
C GLU A 9 -27.03 -8.18 10.53
N ILE A 10 -26.65 -8.94 9.51
CA ILE A 10 -25.86 -8.40 8.39
C ILE A 10 -26.69 -8.21 7.13
N GLU A 11 -26.93 -6.96 6.78
CA GLU A 11 -27.67 -6.63 5.58
C GLU A 11 -26.71 -6.50 4.40
N VAL A 12 -26.67 -7.52 3.55
CA VAL A 12 -25.74 -7.54 2.44
C VAL A 12 -26.22 -6.65 1.31
N GLU A 13 -25.42 -5.64 0.95
CA GLU A 13 -25.81 -4.68 -0.09
C GLU A 13 -25.28 -5.06 -1.46
N GLU A 14 -23.97 -4.94 -1.65
CA GLU A 14 -23.38 -5.16 -2.97
C GLU A 14 -22.03 -5.85 -2.91
N VAL A 15 -21.76 -6.68 -3.92
CA VAL A 15 -20.47 -7.36 -4.02
C VAL A 15 -19.39 -6.38 -4.49
N VAL A 16 -18.26 -6.35 -3.78
CA VAL A 16 -17.12 -5.51 -4.15
C VAL A 16 -16.16 -6.24 -5.11
N GLY A 17 -15.73 -7.44 -4.74
CA GLY A 17 -14.86 -8.25 -5.60
C GLY A 17 -14.51 -9.62 -5.02
N ARG A 18 -13.72 -10.38 -5.76
CA ARG A 18 -13.23 -11.67 -5.25
C ARG A 18 -11.72 -11.75 -5.37
N GLY A 19 -11.05 -11.98 -4.23
CA GLY A 19 -9.61 -12.13 -4.21
C GLY A 19 -9.20 -13.58 -4.40
N ALA A 20 -8.18 -14.00 -3.65
CA ALA A 20 -7.69 -15.37 -3.72
C ALA A 20 -8.77 -16.38 -3.36
N PHE A 21 -9.54 -16.05 -2.32
CA PHE A 21 -10.63 -16.90 -1.89
C PHE A 21 -11.74 -16.06 -1.27
N GLY A 22 -12.94 -16.63 -1.20
CA GLY A 22 -14.08 -15.94 -0.63
C GLY A 22 -14.60 -14.86 -1.56
N VAL A 23 -15.49 -14.03 -1.02
CA VAL A 23 -16.05 -12.90 -1.75
C VAL A 23 -16.27 -11.73 -0.78
N VAL A 24 -15.87 -10.53 -1.20
CA VAL A 24 -16.01 -9.33 -0.38
C VAL A 24 -17.23 -8.50 -0.77
N CYS A 25 -18.12 -8.23 0.19
CA CYS A 25 -19.33 -7.47 -0.08
C CYS A 25 -19.41 -6.26 0.83
N LYS A 26 -20.02 -5.18 0.34
CA LYS A 26 -20.37 -4.07 1.21
C LYS A 26 -21.66 -4.43 1.92
N ALA A 27 -21.80 -3.98 3.16
CA ALA A 27 -22.95 -4.38 3.95
C ALA A 27 -23.22 -3.42 5.08
N LYS A 28 -24.26 -3.71 5.86
CA LYS A 28 -24.60 -2.88 7.00
C LYS A 28 -24.89 -3.75 8.21
N TRP A 29 -24.33 -3.40 9.35
CA TRP A 29 -24.49 -4.19 10.57
C TRP A 29 -24.69 -3.28 11.78
N ARG A 30 -25.83 -3.43 12.45
CA ARG A 30 -26.23 -2.56 13.54
C ARG A 30 -26.16 -1.09 13.12
N ALA A 31 -26.53 -0.83 11.87
CA ALA A 31 -26.60 0.50 11.26
C ALA A 31 -25.23 1.19 11.10
N LYS A 32 -24.18 0.40 10.89
CA LYS A 32 -22.88 0.95 10.51
C LYS A 32 -22.38 0.30 9.23
N ASP A 33 -21.66 1.07 8.41
CA ASP A 33 -21.10 0.56 7.17
C ASP A 33 -20.00 -0.47 7.45
N VAL A 34 -20.16 -1.68 6.90
CA VAL A 34 -19.17 -2.73 7.10
C VAL A 34 -18.87 -3.47 5.81
N ALA A 35 -17.63 -3.91 5.66
CA ALA A 35 -17.27 -4.75 4.54
C ALA A 35 -17.16 -6.17 5.05
N ILE A 36 -17.81 -7.10 4.35
CA ILE A 36 -17.79 -8.49 4.76
C ILE A 36 -17.08 -9.35 3.75
N LYS A 37 -16.37 -10.36 4.26
CA LYS A 37 -15.75 -11.37 3.42
C LYS A 37 -16.34 -12.73 3.79
N GLN A 38 -17.07 -13.34 2.85
CA GLN A 38 -17.83 -14.56 3.14
C GLN A 38 -17.22 -15.74 2.41
N ILE A 39 -17.29 -16.90 3.05
CA ILE A 39 -16.80 -18.13 2.44
C ILE A 39 -17.74 -18.60 1.33
N GLU A 40 -17.18 -19.29 0.34
CA GLU A 40 -17.98 -19.77 -0.78
C GLU A 40 -17.94 -21.30 -0.91
N SER A 41 -16.77 -21.88 -0.67
CA SER A 41 -16.61 -23.33 -0.71
C SER A 41 -15.95 -23.83 0.57
N GLU A 42 -16.22 -25.09 0.92
CA GLU A 42 -15.62 -25.68 2.12
C GLU A 42 -14.11 -25.75 2.00
N SER A 43 -13.63 -25.66 0.76
CA SER A 43 -12.20 -25.66 0.48
C SER A 43 -11.47 -24.51 1.16
N GLU A 44 -12.16 -23.38 1.31
CA GLU A 44 -11.54 -22.15 1.80
C GLU A 44 -11.54 -22.02 3.31
N ARG A 45 -12.16 -22.97 3.99
CA ARG A 45 -12.41 -22.86 5.43
C ARG A 45 -11.16 -22.64 6.28
N LYS A 46 -10.05 -23.26 5.91
CA LYS A 46 -8.85 -23.14 6.72
C LYS A 46 -8.14 -21.81 6.46
N ALA A 47 -8.21 -21.34 5.23
CA ALA A 47 -7.62 -20.05 4.86
C ALA A 47 -8.28 -18.92 5.64
N PHE A 48 -9.59 -19.01 5.85
CA PHE A 48 -10.31 -18.01 6.64
C PHE A 48 -9.85 -18.01 8.07
N ILE A 49 -9.68 -19.20 8.63
CA ILE A 49 -9.27 -19.32 10.03
C ILE A 49 -7.93 -18.65 10.25
N VAL A 50 -6.99 -18.87 9.32
CA VAL A 50 -5.69 -18.22 9.40
C VAL A 50 -5.85 -16.70 9.42
N GLU A 51 -6.59 -16.19 8.43
CA GLU A 51 -6.83 -14.76 8.28
C GLU A 51 -7.57 -14.19 9.50
N LEU A 52 -8.56 -14.95 9.99
CA LEU A 52 -9.27 -14.56 11.19
C LEU A 52 -8.34 -14.48 12.41
N ARG A 53 -7.40 -15.41 12.51
CA ARG A 53 -6.43 -15.38 13.60
C ARG A 53 -5.54 -14.14 13.49
N GLN A 54 -5.03 -13.89 12.30
CA GLN A 54 -4.13 -12.76 12.08
C GLN A 54 -4.83 -11.42 12.38
N LEU A 55 -6.02 -11.23 11.83
CA LEU A 55 -6.74 -9.97 11.96
C LEU A 55 -7.22 -9.69 13.39
N SER A 56 -7.43 -10.74 14.16
CA SER A 56 -7.84 -10.62 15.56
C SER A 56 -6.72 -10.07 16.45
N ARG A 57 -5.47 -10.23 16.01
CA ARG A 57 -4.33 -9.68 16.74
C ARG A 57 -4.04 -8.23 16.35
N VAL A 58 -4.40 -7.87 15.13
CA VAL A 58 -3.99 -6.59 14.55
C VAL A 58 -4.93 -5.45 14.92
N ASN A 59 -4.37 -4.42 15.56
CA ASN A 59 -5.11 -3.21 15.86
C ASN A 59 -4.24 -1.97 15.66
N HIS A 60 -4.40 -1.33 14.49
CA HIS A 60 -3.58 -0.19 14.13
C HIS A 60 -4.35 0.74 13.19
N PRO A 61 -4.13 2.07 13.33
CA PRO A 61 -4.86 3.06 12.53
C PRO A 61 -4.62 2.93 11.02
N ASN A 62 -3.48 2.40 10.62
CA ASN A 62 -3.16 2.31 9.19
C ASN A 62 -3.28 0.90 8.65
N ILE A 63 -4.04 0.08 9.36
CA ILE A 63 -4.36 -1.26 8.91
C ILE A 63 -5.86 -1.45 9.04
N VAL A 64 -6.44 -2.23 8.14
CA VAL A 64 -7.87 -2.44 8.15
C VAL A 64 -8.27 -3.12 9.47
N LYS A 65 -9.42 -2.74 10.00
CA LYS A 65 -9.84 -3.16 11.33
C LYS A 65 -10.94 -4.21 11.30
N LEU A 66 -10.75 -5.25 12.09
CA LEU A 66 -11.70 -6.36 12.23
C LEU A 66 -12.72 -6.12 13.35
N TYR A 67 -13.98 -5.93 12.99
CA TYR A 67 -15.05 -5.77 13.97
C TYR A 67 -15.43 -7.08 14.65
N GLY A 68 -15.65 -8.12 13.87
CA GLY A 68 -15.99 -9.43 14.39
C GLY A 68 -16.21 -10.46 13.30
N ALA A 69 -16.81 -11.59 13.66
CA ALA A 69 -17.08 -12.64 12.70
C ALA A 69 -18.27 -13.52 13.10
N CYS A 70 -18.89 -14.13 12.10
CA CYS A 70 -19.87 -15.18 12.36
C CYS A 70 -19.26 -16.49 11.87
N LEU A 71 -19.74 -17.61 12.41
CA LEU A 71 -19.14 -18.89 12.07
C LEU A 71 -20.11 -19.81 11.35
N ASN A 72 -21.30 -19.30 11.05
CA ASN A 72 -22.22 -20.04 10.20
C ASN A 72 -23.16 -19.10 9.45
N PRO A 73 -22.79 -18.74 8.22
CA PRO A 73 -21.54 -19.17 7.57
C PRO A 73 -20.35 -18.36 8.08
N VAL A 74 -19.13 -18.85 7.89
CA VAL A 74 -17.97 -18.10 8.35
C VAL A 74 -17.81 -16.85 7.50
N CYS A 75 -17.70 -15.71 8.16
CA CYS A 75 -17.70 -14.42 7.47
C CYS A 75 -17.03 -13.34 8.32
N LEU A 76 -16.00 -12.70 7.76
CA LEU A 76 -15.28 -11.63 8.44
C LEU A 76 -15.98 -10.28 8.28
N VAL A 77 -16.18 -9.57 9.39
CA VAL A 77 -16.80 -8.26 9.33
C VAL A 77 -15.80 -7.16 9.67
N MET A 78 -15.48 -6.34 8.67
CA MET A 78 -14.49 -5.28 8.82
C MET A 78 -15.14 -3.91 8.89
N GLU A 79 -14.42 -2.95 9.45
CA GLU A 79 -14.80 -1.55 9.34
C GLU A 79 -14.67 -1.13 7.88
N TYR A 80 -15.74 -0.56 7.33
CA TYR A 80 -15.74 -0.24 5.90
C TYR A 80 -14.85 0.94 5.56
N ALA A 81 -13.81 0.66 4.76
CA ALA A 81 -13.01 1.69 4.12
C ALA A 81 -13.70 2.16 2.83
N GLU A 82 -13.99 3.45 2.73
CA GLU A 82 -14.87 3.96 1.69
C GLU A 82 -14.19 4.49 0.41
N GLY A 83 -12.98 5.02 0.54
CA GLY A 83 -12.40 5.79 -0.55
C GLY A 83 -11.74 5.03 -1.69
N GLY A 84 -11.87 3.71 -1.69
CA GLY A 84 -11.23 2.91 -2.74
C GLY A 84 -9.73 2.73 -2.57
N SER A 85 -9.13 2.01 -3.52
CA SER A 85 -7.71 1.68 -3.44
C SER A 85 -6.82 2.83 -3.87
N LEU A 86 -5.57 2.80 -3.43
CA LEU A 86 -4.57 3.75 -3.90
C LEU A 86 -4.34 3.60 -5.40
N TYR A 87 -4.38 2.36 -5.91
CA TYR A 87 -4.25 2.14 -7.34
C TYR A 87 -5.31 2.95 -8.09
N ASN A 88 -6.53 2.96 -7.56
CA ASN A 88 -7.62 3.68 -8.19
C ASN A 88 -7.34 5.19 -8.22
N VAL A 89 -6.93 5.73 -7.08
CA VAL A 89 -6.56 7.14 -7.01
C VAL A 89 -5.43 7.47 -8.00
N LEU A 90 -4.46 6.58 -8.14
CA LEU A 90 -3.28 6.90 -8.96
C LEU A 90 -3.54 6.71 -10.44
N HIS A 91 -4.12 5.57 -10.79
CA HIS A 91 -4.22 5.17 -12.19
C HIS A 91 -5.63 4.82 -12.64
N GLY A 92 -6.61 4.95 -11.75
CA GLY A 92 -7.94 4.45 -12.02
C GLY A 92 -8.70 5.26 -13.06
N ALA A 93 -10.03 5.26 -12.92
CA ALA A 93 -10.88 5.78 -13.98
C ALA A 93 -11.11 7.29 -13.88
N GLU A 94 -11.25 7.91 -15.05
CA GLU A 94 -11.62 9.31 -15.16
C GLU A 94 -12.83 9.64 -14.31
N PRO A 95 -12.81 10.81 -13.64
CA PRO A 95 -11.67 11.72 -13.57
C PRO A 95 -10.70 11.41 -12.41
N LEU A 96 -9.41 11.53 -12.65
CA LEU A 96 -8.42 11.25 -11.61
C LEU A 96 -8.25 12.45 -10.68
N PRO A 97 -8.02 12.21 -9.39
CA PRO A 97 -7.87 13.35 -8.48
C PRO A 97 -6.46 13.96 -8.55
N TYR A 98 -6.38 15.27 -8.34
CA TYR A 98 -5.11 15.94 -8.16
C TYR A 98 -4.60 15.62 -6.76
N TYR A 99 -3.29 15.45 -6.61
CA TYR A 99 -2.71 15.31 -5.28
C TYR A 99 -1.31 15.94 -5.20
N THR A 100 -0.86 16.25 -3.98
CA THR A 100 0.38 16.99 -3.81
C THR A 100 1.52 16.12 -3.37
N ALA A 101 2.73 16.67 -3.42
CA ALA A 101 3.89 15.99 -2.88
C ALA A 101 3.63 15.59 -1.43
N ALA A 102 2.88 16.41 -0.71
CA ALA A 102 2.59 16.11 0.69
C ALA A 102 1.72 14.88 0.84
N HIS A 103 0.76 14.70 -0.05
CA HIS A 103 -0.09 13.50 -0.03
C HIS A 103 0.76 12.25 -0.29
N ALA A 104 1.58 12.33 -1.32
CA ALA A 104 2.45 11.24 -1.69
C ALA A 104 3.26 10.77 -0.47
N MET A 105 3.96 11.71 0.15
CA MET A 105 4.84 11.38 1.27
C MET A 105 4.03 10.88 2.45
N SER A 106 2.88 11.48 2.68
CA SER A 106 2.03 11.05 3.80
C SER A 106 1.50 9.63 3.60
N TRP A 107 1.15 9.29 2.36
CA TRP A 107 0.69 7.93 2.05
C TRP A 107 1.77 6.92 2.40
N CYS A 108 2.98 7.18 1.93
CA CYS A 108 4.10 6.29 2.19
C CYS A 108 4.49 6.25 3.67
N LEU A 109 4.32 7.35 4.38
CA LEU A 109 4.59 7.34 5.82
C LEU A 109 3.58 6.42 6.52
N GLN A 110 2.32 6.58 6.15
CA GLN A 110 1.25 5.82 6.78
C GLN A 110 1.38 4.35 6.47
N CYS A 111 1.94 4.04 5.31
CA CYS A 111 2.16 2.66 4.92
C CYS A 111 3.31 2.06 5.73
N SER A 112 4.42 2.80 5.88
CA SER A 112 5.52 2.32 6.70
C SER A 112 5.09 2.15 8.16
N GLN A 113 4.25 3.04 8.67
CA GLN A 113 3.74 2.91 10.03
C GLN A 113 2.96 1.60 10.24
N GLY A 114 2.18 1.21 9.25
CA GLY A 114 1.37 0.00 9.38
C GLY A 114 2.20 -1.26 9.24
N VAL A 115 3.14 -1.24 8.30
CA VAL A 115 4.02 -2.37 8.10
C VAL A 115 4.95 -2.55 9.31
N ALA A 116 5.43 -1.44 9.87
CA ALA A 116 6.31 -1.54 11.04
C ALA A 116 5.56 -2.14 12.22
N TYR A 117 4.27 -1.82 12.36
CA TYR A 117 3.43 -2.47 13.35
C TYR A 117 3.41 -3.99 13.11
N LEU A 118 3.18 -4.40 11.86
CA LEU A 118 3.12 -5.83 11.54
C LEU A 118 4.46 -6.50 11.81
N HIS A 119 5.55 -5.79 11.55
CA HIS A 119 6.89 -6.37 11.72
C HIS A 119 7.29 -6.49 13.18
N SER A 120 6.56 -5.80 14.05
CA SER A 120 6.92 -5.69 15.47
C SER A 120 6.02 -6.54 16.34
N MET A 121 5.00 -7.15 15.73
CA MET A 121 4.07 -8.00 16.48
C MET A 121 4.78 -9.14 17.21
N GLN A 122 4.29 -9.46 18.40
CA GLN A 122 4.86 -10.51 19.21
C GLN A 122 3.83 -11.63 19.39
N PRO A 123 4.29 -12.88 19.56
CA PRO A 123 5.69 -13.34 19.62
C PRO A 123 6.37 -13.44 18.25
N LYS A 124 5.59 -13.72 17.21
CA LYS A 124 6.12 -13.80 15.85
C LYS A 124 5.62 -12.62 15.00
N ALA A 125 6.52 -12.04 14.22
CA ALA A 125 6.16 -10.92 13.37
C ALA A 125 5.29 -11.37 12.20
N LEU A 126 4.42 -10.48 11.73
CA LEU A 126 3.68 -10.70 10.49
C LEU A 126 4.36 -9.97 9.34
N ILE A 127 4.55 -10.69 8.24
CA ILE A 127 5.06 -10.10 7.02
C ILE A 127 3.89 -9.92 6.05
N HIS A 128 3.87 -8.84 5.29
CA HIS A 128 2.75 -8.60 4.37
C HIS A 128 2.95 -9.45 3.13
N ARG A 129 4.08 -9.21 2.46
CA ARG A 129 4.56 -9.98 1.28
C ARG A 129 3.89 -9.61 -0.04
N ASP A 130 2.85 -8.78 0.02
CA ASP A 130 2.15 -8.38 -1.19
C ASP A 130 1.74 -6.89 -1.11
N LEU A 131 2.70 -6.05 -0.74
CA LEU A 131 2.47 -4.60 -0.67
C LEU A 131 2.49 -3.97 -2.05
N LYS A 132 1.39 -3.33 -2.41
CA LYS A 132 1.23 -2.69 -3.71
C LYS A 132 0.00 -1.81 -3.63
N PRO A 133 -0.10 -0.81 -4.51
CA PRO A 133 -1.24 0.11 -4.36
C PRO A 133 -2.66 -0.52 -4.44
N PRO A 134 -2.86 -1.64 -5.19
CA PRO A 134 -4.22 -2.24 -5.13
C PRO A 134 -4.59 -2.78 -3.76
N ASN A 135 -3.59 -3.00 -2.91
CA ASN A 135 -3.84 -3.45 -1.54
C ASN A 135 -3.81 -2.32 -0.52
N LEU A 136 -3.75 -1.08 -0.99
CA LEU A 136 -3.69 0.05 -0.06
C LEU A 136 -4.97 0.84 -0.18
N LEU A 137 -5.78 0.84 0.87
CA LEU A 137 -7.05 1.56 0.83
C LEU A 137 -6.90 2.97 1.38
N LEU A 138 -7.66 3.90 0.81
CA LEU A 138 -7.70 5.30 1.24
C LEU A 138 -9.04 5.64 1.86
N VAL A 139 -9.02 6.37 2.97
CA VAL A 139 -10.26 6.85 3.56
C VAL A 139 -10.11 8.30 3.97
N ALA A 140 -11.17 8.86 4.54
CA ALA A 140 -11.22 10.25 4.98
C ALA A 140 -10.75 11.20 3.90
N GLY A 141 -11.44 11.21 2.76
CA GLY A 141 -11.12 12.14 1.70
C GLY A 141 -9.79 11.86 1.03
N GLY A 142 -9.32 10.63 1.15
CA GLY A 142 -8.06 10.21 0.56
C GLY A 142 -6.84 10.60 1.36
N THR A 143 -7.02 10.94 2.63
CA THR A 143 -5.92 11.41 3.46
C THR A 143 -5.38 10.34 4.38
N VAL A 144 -6.20 9.32 4.66
CA VAL A 144 -5.76 8.27 5.55
C VAL A 144 -5.63 6.96 4.79
N LEU A 145 -4.51 6.28 4.99
CA LEU A 145 -4.28 5.05 4.26
C LEU A 145 -4.45 3.83 5.15
N LYS A 146 -5.10 2.80 4.62
CA LYS A 146 -5.27 1.55 5.33
C LYS A 146 -4.66 0.40 4.55
N ILE A 147 -3.78 -0.35 5.18
CA ILE A 147 -3.24 -1.56 4.58
C ILE A 147 -4.23 -2.70 4.66
N CYS A 148 -4.34 -3.46 3.59
CA CYS A 148 -5.15 -4.66 3.60
C CYS A 148 -4.52 -5.75 2.71
N ASP A 149 -5.18 -6.90 2.58
CA ASP A 149 -4.67 -7.94 1.69
C ASP A 149 -5.82 -8.75 1.13
N PHE A 150 -6.08 -8.59 -0.16
CA PHE A 150 -7.17 -9.31 -0.80
C PHE A 150 -6.69 -10.67 -1.31
N GLY A 151 -5.38 -10.90 -1.27
CA GLY A 151 -4.79 -12.14 -1.76
C GLY A 151 -5.05 -12.38 -3.24
N GLY A 165 -0.85 -9.36 -11.44
CA GLY A 165 0.48 -9.82 -11.06
C GLY A 165 1.17 -8.83 -10.12
N SER A 166 1.96 -9.36 -9.19
CA SER A 166 2.63 -8.54 -8.20
C SER A 166 4.11 -8.40 -8.48
N ALA A 167 4.53 -8.80 -9.67
CA ALA A 167 5.97 -8.87 -9.97
C ALA A 167 6.66 -7.52 -9.86
N ALA A 168 5.94 -6.45 -10.22
CA ALA A 168 6.53 -5.12 -10.28
C ALA A 168 6.96 -4.60 -8.93
N TRP A 169 6.43 -5.19 -7.86
CA TRP A 169 6.71 -4.72 -6.52
C TRP A 169 7.43 -5.79 -5.68
N MET A 170 7.79 -6.89 -6.31
CA MET A 170 8.32 -8.05 -5.58
C MET A 170 9.83 -8.00 -5.44
N ALA A 171 10.31 -8.17 -4.21
CA ALA A 171 11.75 -8.27 -3.93
C ALA A 171 12.34 -9.45 -4.67
N PRO A 172 13.53 -9.27 -5.27
CA PRO A 172 14.13 -10.33 -6.09
C PRO A 172 14.36 -11.63 -5.32
N GLU A 173 14.66 -11.56 -4.03
CA GLU A 173 14.90 -12.79 -3.27
C GLU A 173 13.62 -13.60 -3.10
N VAL A 174 12.47 -12.96 -3.30
CA VAL A 174 11.20 -13.63 -3.05
C VAL A 174 10.85 -14.53 -4.21
N PHE A 175 10.75 -13.94 -5.39
CA PHE A 175 10.32 -14.69 -6.56
C PHE A 175 11.39 -15.64 -7.07
N GLU A 176 12.56 -15.62 -6.42
CA GLU A 176 13.62 -16.54 -6.79
C GLU A 176 13.70 -17.73 -5.82
N GLY A 177 12.71 -17.82 -4.93
CA GLY A 177 12.62 -18.93 -4.00
C GLY A 177 13.69 -18.96 -2.91
N SER A 178 14.09 -17.78 -2.43
CA SER A 178 15.05 -17.70 -1.32
C SER A 178 14.34 -17.63 0.03
N ASN A 179 15.06 -17.96 1.08
CA ASN A 179 14.55 -17.82 2.44
C ASN A 179 14.41 -16.33 2.78
N TYR A 180 13.29 -15.74 2.41
CA TYR A 180 13.09 -14.30 2.55
C TYR A 180 12.71 -13.85 3.98
N SER A 181 12.72 -12.54 4.20
CA SER A 181 12.37 -11.97 5.51
C SER A 181 11.47 -10.75 5.35
N GLU A 182 11.27 -10.02 6.43
CA GLU A 182 10.42 -8.85 6.42
C GLU A 182 11.00 -7.74 5.54
N LYS A 183 12.27 -7.87 5.18
CA LYS A 183 12.93 -6.91 4.30
C LYS A 183 12.33 -6.88 2.90
N CYS A 184 11.55 -7.90 2.53
CA CYS A 184 10.91 -7.90 1.22
C CYS A 184 9.84 -6.80 1.14
N ASP A 185 9.13 -6.58 2.24
CA ASP A 185 8.16 -5.50 2.34
C ASP A 185 8.83 -4.15 2.11
N VAL A 186 10.08 -4.02 2.57
CA VAL A 186 10.82 -2.76 2.42
C VAL A 186 11.08 -2.45 0.94
N PHE A 187 11.43 -3.48 0.18
CA PHE A 187 11.65 -3.34 -1.25
C PHE A 187 10.36 -2.85 -1.93
N SER A 188 9.23 -3.42 -1.55
CA SER A 188 7.95 -3.04 -2.14
C SER A 188 7.63 -1.57 -1.83
N TRP A 189 7.92 -1.17 -0.60
CA TRP A 189 7.64 0.19 -0.15
C TRP A 189 8.41 1.17 -1.00
N GLY A 190 9.69 0.87 -1.26
CA GLY A 190 10.49 1.65 -2.18
C GLY A 190 9.83 1.82 -3.55
N ILE A 191 9.30 0.74 -4.13
CA ILE A 191 8.70 0.83 -5.46
C ILE A 191 7.46 1.70 -5.38
N ILE A 192 6.67 1.51 -4.33
CA ILE A 192 5.48 2.35 -4.13
C ILE A 192 5.84 3.84 -3.99
N LEU A 193 6.94 4.14 -3.30
CA LEU A 193 7.40 5.53 -3.12
C LEU A 193 7.64 6.17 -4.47
N TRP A 194 8.39 5.45 -5.31
CA TRP A 194 8.64 5.89 -6.67
C TRP A 194 7.31 6.13 -7.41
N GLU A 195 6.37 5.19 -7.25
CA GLU A 195 5.12 5.18 -7.98
C GLU A 195 4.24 6.39 -7.64
N VAL A 196 4.09 6.72 -6.37
CA VAL A 196 3.21 7.81 -5.99
C VAL A 196 3.82 9.16 -6.38
N ILE A 197 5.15 9.20 -6.45
CA ILE A 197 5.86 10.44 -6.76
C ILE A 197 5.77 10.74 -8.25
N THR A 198 5.91 9.69 -9.07
CA THR A 198 5.87 9.82 -10.52
C THR A 198 4.47 9.68 -11.12
N ARG A 199 3.58 9.05 -10.37
CA ARG A 199 2.24 8.65 -10.84
C ARG A 199 2.35 7.77 -12.07
N ARG A 200 3.36 6.91 -12.11
CA ARG A 200 3.56 5.98 -13.20
C ARG A 200 3.50 4.53 -12.76
N LYS A 201 3.08 3.63 -13.64
CA LYS A 201 3.13 2.21 -13.30
C LYS A 201 4.56 1.73 -13.46
N PRO A 202 5.13 1.17 -12.39
CA PRO A 202 6.50 0.66 -12.46
C PRO A 202 6.61 -0.48 -13.46
N PHE A 203 7.68 -0.44 -14.25
CA PHE A 203 7.94 -1.44 -15.28
C PHE A 203 6.76 -1.60 -16.23
N ASP A 204 6.10 -0.50 -16.55
CA ASP A 204 4.95 -0.56 -17.45
C ASP A 204 5.40 -0.78 -18.90
N GLU A 205 6.60 -0.32 -19.22
CA GLU A 205 7.11 -0.42 -20.58
C GLU A 205 7.60 -1.84 -20.92
N ILE A 206 8.11 -2.55 -19.92
CA ILE A 206 8.57 -3.92 -20.10
C ILE A 206 7.44 -4.83 -20.56
N GLY A 207 6.41 -4.91 -19.73
CA GLY A 207 5.21 -5.65 -20.10
C GLY A 207 5.47 -7.13 -20.31
N GLY A 208 4.74 -7.72 -21.26
CA GLY A 208 4.75 -9.15 -21.45
C GLY A 208 4.25 -9.82 -20.19
N PRO A 209 4.65 -11.08 -19.98
CA PRO A 209 4.30 -11.82 -18.76
C PRO A 209 5.23 -11.46 -17.59
N ALA A 210 4.85 -11.88 -16.39
CA ALA A 210 5.58 -11.52 -15.16
C ALA A 210 7.07 -11.91 -15.16
N PHE A 211 7.43 -13.00 -15.82
CA PHE A 211 8.80 -13.52 -15.72
C PHE A 211 9.76 -12.58 -16.44
N ARG A 212 9.22 -11.75 -17.34
CA ARG A 212 10.04 -10.77 -18.03
C ARG A 212 10.44 -9.66 -17.07
N ILE A 213 9.53 -9.31 -16.16
CA ILE A 213 9.82 -8.33 -15.13
C ILE A 213 10.76 -8.92 -14.09
N MET A 214 10.48 -10.16 -13.68
CA MET A 214 11.37 -10.83 -12.72
C MET A 214 12.77 -10.96 -13.26
N TRP A 215 12.90 -11.30 -14.54
CA TRP A 215 14.21 -11.37 -15.15
C TRP A 215 14.93 -10.03 -15.05
N ALA A 216 14.26 -8.97 -15.46
CA ALA A 216 14.83 -7.61 -15.40
C ALA A 216 15.30 -7.24 -14.00
N VAL A 217 14.38 -7.28 -13.05
CA VAL A 217 14.69 -6.88 -11.67
C VAL A 217 15.77 -7.77 -11.07
N HIS A 218 15.76 -9.05 -11.40
CA HIS A 218 16.77 -9.99 -10.90
C HIS A 218 18.16 -9.60 -11.38
N ASN A 219 18.22 -9.12 -12.63
CA ASN A 219 19.45 -8.62 -13.25
C ASN A 219 19.84 -7.22 -12.77
N GLY A 220 19.01 -6.61 -11.94
CA GLY A 220 19.32 -5.32 -11.36
C GLY A 220 18.53 -4.12 -11.90
N THR A 221 17.61 -4.35 -12.82
CA THR A 221 16.79 -3.25 -13.35
C THR A 221 16.01 -2.63 -12.19
N ARG A 222 15.89 -1.32 -12.21
CA ARG A 222 15.12 -0.60 -11.21
C ARG A 222 14.34 0.49 -11.93
N PRO A 223 13.26 1.00 -11.31
CA PRO A 223 12.55 2.12 -11.94
C PRO A 223 13.51 3.25 -12.26
N PRO A 224 13.25 3.98 -13.35
CA PRO A 224 14.18 5.05 -13.75
C PRO A 224 14.26 6.17 -12.72
N LEU A 225 15.38 6.89 -12.69
CA LEU A 225 15.56 7.95 -11.71
C LEU A 225 14.64 9.14 -12.00
N ILE A 226 14.34 9.88 -10.94
CA ILE A 226 13.40 10.98 -11.00
C ILE A 226 14.12 12.31 -10.99
N LYS A 227 13.83 13.14 -12.00
CA LYS A 227 14.43 14.46 -12.13
C LYS A 227 14.07 15.35 -10.95
N ASN A 228 15.06 16.06 -10.43
CA ASN A 228 14.86 17.05 -9.38
C ASN A 228 14.42 16.42 -8.06
N LEU A 229 14.53 15.11 -7.96
CA LEU A 229 14.17 14.45 -6.71
C LEU A 229 15.17 14.81 -5.63
N PRO A 230 14.68 15.29 -4.47
CA PRO A 230 15.53 15.60 -3.33
C PRO A 230 16.43 14.44 -2.89
N LYS A 231 17.71 14.71 -2.78
CA LYS A 231 18.71 13.73 -2.36
C LYS A 231 18.31 12.94 -1.10
N PRO A 232 17.77 13.60 -0.06
CA PRO A 232 17.40 12.73 1.06
C PRO A 232 16.33 11.68 0.70
N ILE A 233 15.46 11.99 -0.26
CA ILE A 233 14.41 11.06 -0.64
C ILE A 233 14.93 10.02 -1.62
N GLU A 234 15.76 10.46 -2.56
CA GLU A 234 16.38 9.55 -3.49
C GLU A 234 17.22 8.51 -2.76
N SER A 235 17.95 8.97 -1.74
CA SER A 235 18.82 8.11 -0.97
C SER A 235 18.02 7.02 -0.25
N LEU A 236 16.93 7.39 0.41
CA LEU A 236 16.05 6.42 1.06
C LEU A 236 15.50 5.43 0.04
N MET A 237 14.90 5.97 -1.02
CA MET A 237 14.28 5.15 -2.07
C MET A 237 15.23 4.08 -2.62
N THR A 238 16.44 4.48 -3.00
CA THR A 238 17.36 3.52 -3.60
C THR A 238 17.90 2.50 -2.60
N ARG A 239 18.02 2.86 -1.32
CA ARG A 239 18.47 1.86 -0.33
C ARG A 239 17.45 0.75 -0.24
N CYS A 240 16.17 1.13 -0.30
CA CYS A 240 15.09 0.17 -0.25
C CYS A 240 15.14 -0.79 -1.45
N TRP A 241 15.64 -0.32 -2.60
CA TRP A 241 15.73 -1.10 -3.85
C TRP A 241 16.86 -2.09 -3.90
N SER A 242 17.81 -1.99 -2.98
CA SER A 242 19.06 -2.74 -3.11
C SER A 242 18.81 -4.25 -3.18
N LYS A 243 19.57 -4.92 -4.04
CA LYS A 243 19.52 -6.36 -4.19
C LYS A 243 19.71 -7.12 -2.87
N ASP A 244 20.74 -6.76 -2.11
CA ASP A 244 21.00 -7.40 -0.83
C ASP A 244 20.11 -6.85 0.27
N PRO A 245 19.14 -7.66 0.73
CA PRO A 245 18.11 -7.31 1.73
C PRO A 245 18.68 -6.66 2.99
N SER A 246 19.87 -7.08 3.37
CA SER A 246 20.45 -6.62 4.63
C SER A 246 20.90 -5.16 4.52
N GLN A 247 21.01 -4.66 3.29
CA GLN A 247 21.40 -3.27 3.06
C GLN A 247 20.19 -2.35 2.91
N ARG A 248 18.99 -2.92 2.96
CA ARG A 248 17.76 -2.13 3.00
C ARG A 248 17.53 -1.71 4.44
N PRO A 249 17.00 -0.50 4.65
CA PRO A 249 16.66 -0.09 6.01
C PRO A 249 15.48 -0.89 6.54
N SER A 250 15.38 -1.00 7.86
CA SER A 250 14.19 -1.55 8.48
C SER A 250 13.02 -0.59 8.34
N MET A 251 11.82 -1.09 8.57
CA MET A 251 10.63 -0.25 8.51
C MET A 251 10.63 0.83 9.59
N GLU A 252 11.18 0.48 10.75
CA GLU A 252 11.22 1.43 11.86
C GLU A 252 12.07 2.62 11.48
N GLU A 253 13.18 2.37 10.78
CA GLU A 253 14.01 3.46 10.31
C GLU A 253 13.26 4.31 9.25
N ILE A 254 12.54 3.63 8.36
CA ILE A 254 11.74 4.32 7.34
C ILE A 254 10.70 5.23 7.99
N VAL A 255 9.97 4.70 8.97
CA VAL A 255 9.00 5.49 9.71
C VAL A 255 9.63 6.75 10.28
N LYS A 256 10.83 6.58 10.85
CA LYS A 256 11.53 7.66 11.54
C LYS A 256 11.91 8.74 10.55
N ILE A 257 12.52 8.31 9.46
CA ILE A 257 12.95 9.22 8.41
C ILE A 257 11.75 9.93 7.77
N MET A 258 10.70 9.17 7.46
CA MET A 258 9.54 9.78 6.83
C MET A 258 8.86 10.73 7.78
N THR A 259 8.89 10.43 9.08
CA THR A 259 8.25 11.31 10.06
C THR A 259 8.98 12.65 10.11
N HIS A 260 10.31 12.60 10.09
CA HIS A 260 11.10 13.81 10.11
C HIS A 260 10.91 14.60 8.82
N LEU A 261 10.77 13.89 7.71
CA LEU A 261 10.66 14.57 6.42
C LEU A 261 9.33 15.31 6.28
N MET A 262 8.28 14.80 6.93
CA MET A 262 6.94 15.39 6.81
C MET A 262 6.90 16.84 7.26
N ARG A 263 7.87 17.25 8.05
CA ARG A 263 8.00 18.64 8.48
C ARG A 263 8.09 19.58 7.29
N TYR A 264 8.60 19.07 6.18
CA TYR A 264 8.78 19.84 4.97
C TYR A 264 7.69 19.52 3.93
N PHE A 265 6.63 18.86 4.38
CA PHE A 265 5.50 18.52 3.50
C PHE A 265 4.17 18.76 4.20
N PRO A 266 3.85 20.02 4.51
CA PRO A 266 2.59 20.34 5.16
C PRO A 266 1.41 20.21 4.17
N GLY A 267 0.19 20.01 4.68
CA GLY A 267 -0.98 19.99 3.81
C GLY A 267 -1.54 18.62 3.46
N ALA A 268 -1.01 17.59 4.11
CA ALA A 268 -1.40 16.22 3.79
C ALA A 268 -2.78 15.89 4.36
N ASP A 269 -3.31 16.77 5.20
CA ASP A 269 -4.67 16.58 5.75
C ASP A 269 -5.75 17.18 4.86
N GLU A 270 -5.33 17.84 3.79
CA GLU A 270 -6.25 18.38 2.80
C GLU A 270 -6.88 17.28 1.92
N PRO A 271 -8.21 17.19 1.93
CA PRO A 271 -8.93 16.19 1.14
C PRO A 271 -8.64 16.30 -0.35
N LEU A 272 -8.66 15.18 -1.05
CA LEU A 272 -8.58 15.20 -2.51
C LEU A 272 -9.93 15.63 -3.06
N GLN A 273 -9.94 16.64 -3.93
CA GLN A 273 -11.20 17.18 -4.46
C GLN A 273 -11.13 17.70 -5.88
N TYR A 274 -9.99 18.24 -6.28
CA TYR A 274 -9.83 18.79 -7.63
C TYR A 274 -9.51 17.72 -8.67
N PRO A 275 -10.25 17.72 -9.79
CA PRO A 275 -10.00 16.76 -10.87
C PRO A 275 -8.76 17.13 -11.63
N CYS A 276 -8.31 16.22 -12.47
CA CYS A 276 -6.99 16.35 -13.02
C CYS A 276 -7.02 15.74 -14.40
N GLN A 277 -6.69 16.55 -15.39
CA GLN A 277 -6.45 16.05 -16.72
C GLN A 277 -4.97 15.84 -16.71
N HIS A 278 -4.57 14.58 -16.75
CA HIS A 278 -3.19 14.24 -16.49
C HIS A 278 -2.55 13.58 -17.69
N SER A 279 -1.70 14.33 -18.36
CA SER A 279 -0.92 13.78 -19.48
C SER A 279 0.32 13.08 -18.87
N LEU A 280 0.77 12.02 -19.54
CA LEU A 280 1.98 11.32 -19.17
C LEU A 280 3.07 11.49 -20.23
N PRO A 281 3.82 12.61 -20.15
CA PRO A 281 4.90 12.81 -21.12
C PRO A 281 5.96 11.71 -21.01
N PRO A 282 6.18 10.93 -22.09
CA PRO A 282 7.12 9.80 -22.03
C PRO A 282 8.54 10.26 -21.73
N GLY A 283 9.01 9.98 -20.52
CA GLY A 283 10.35 10.33 -20.11
C GLY A 283 11.40 9.44 -20.75
N GLU A 284 12.07 9.97 -21.77
CA GLU A 284 13.15 9.23 -22.41
C GLU A 284 14.46 9.51 -21.69
N ASP A 285 15.54 8.93 -22.18
CA ASP A 285 16.88 9.13 -21.64
C ASP A 285 17.00 8.56 -20.22
N GLY A 286 16.22 7.51 -19.94
CA GLY A 286 16.28 6.80 -18.68
C GLY A 286 16.11 7.65 -17.44
N ARG A 287 15.29 8.70 -17.53
CA ARG A 287 15.07 9.60 -16.42
C ARG A 287 13.72 10.28 -16.58
N VAL A 288 12.85 10.13 -15.58
CA VAL A 288 11.49 10.65 -15.69
C VAL A 288 11.25 11.87 -14.82
N GLU A 289 10.21 12.61 -15.17
CA GLU A 289 9.80 13.75 -14.39
C GLU A 289 8.85 13.32 -13.28
N PRO A 290 8.90 14.01 -12.13
CA PRO A 290 7.92 13.69 -11.10
C PRO A 290 6.55 14.25 -11.42
N TYR A 291 5.51 13.61 -10.91
CA TYR A 291 4.17 14.16 -11.01
C TYR A 291 4.05 15.25 -9.96
N VAL A 292 4.47 14.96 -8.73
CA VAL A 292 4.37 15.94 -7.66
C VAL A 292 5.46 17.01 -7.76
N ASP A 293 5.27 18.11 -7.06
CA ASP A 293 6.15 19.27 -7.17
C ASP A 293 6.90 19.49 -5.85
N PHE A 294 8.23 19.51 -5.94
CA PHE A 294 9.07 19.63 -4.74
C PHE A 294 9.58 21.05 -4.49
N ALA A 295 9.09 22.04 -5.24
CA ALA A 295 9.55 23.41 -5.07
C ALA A 295 9.33 23.90 -3.63
N GLU A 296 8.18 23.56 -3.06
CA GLU A 296 7.89 23.96 -1.69
C GLU A 296 8.80 23.22 -0.67
N PHE A 297 9.21 22.00 -0.99
CA PHE A 297 10.14 21.26 -0.12
C PHE A 297 11.49 21.94 -0.05
N TYR A 298 12.04 22.29 -1.21
CA TYR A 298 13.34 22.91 -1.27
C TYR A 298 13.34 24.25 -0.53
N ARG A 299 12.22 24.96 -0.61
CA ARG A 299 12.12 26.27 0.01
C ARG A 299 12.09 26.11 1.51
N LEU A 300 11.23 25.22 1.99
CA LEU A 300 11.12 24.96 3.42
C LEU A 300 12.42 24.39 4.00
N TRP A 301 13.15 23.64 3.20
CA TRP A 301 14.43 23.08 3.61
C TRP A 301 15.53 24.15 3.75
N SER A 302 15.56 25.10 2.83
CA SER A 302 16.51 26.21 2.88
C SER A 302 16.28 27.07 4.10
N VAL A 303 15.02 27.25 4.45
CA VAL A 303 14.69 28.07 5.63
C VAL A 303 15.30 27.46 6.89
N ASP A 304 15.18 26.14 7.02
CA ASP A 304 15.69 25.42 8.19
C ASP A 304 17.22 25.31 8.21
N HIS A 305 17.80 25.07 7.05
CA HIS A 305 19.24 24.85 6.92
C HIS A 305 19.95 26.13 6.48
N GLY A 306 19.80 27.16 7.30
CA GLY A 306 20.44 28.45 7.09
C GLY A 306 19.82 29.23 5.95
C01 NG2 B . -13.71 -7.66 3.78
C02 NG2 B . -12.20 -7.78 4.00
C03 NG2 B . -11.68 -8.77 4.85
C04 NG2 B . -10.30 -8.87 5.05
C05 NG2 B . -9.44 -7.98 4.38
C06 NG2 B . -9.95 -6.98 3.54
C07 NG2 B . -11.31 -6.88 3.36
O08 NG2 B . -11.79 -5.91 2.48
C09 NG2 B . -12.13 -4.66 3.06
C10 NG2 B . -12.00 -4.37 4.45
C11 NG2 B . -12.38 -3.08 4.87
N12 NG2 B . -12.85 -2.15 4.03
C13 NG2 B . -12.98 -2.42 2.69
C14 NG2 B . -12.64 -3.65 2.17
C15 NG2 B . -12.91 -3.58 0.76
C16 NG2 B . -13.40 -2.29 0.50
N17 NG2 B . -13.44 -1.63 1.66
C18 NG2 B . -7.92 -8.03 4.58
N19 NG2 B . -7.37 -9.05 5.42
C20 NG2 B . -5.97 -9.20 5.74
C21 NG2 B . -5.42 -10.50 5.83
C22 NG2 B . -4.07 -10.67 6.18
C23 NG2 B . -3.26 -9.57 6.45
C24 NG2 B . -3.82 -8.26 6.36
C25 NG2 B . -2.97 -6.99 6.65
F26 NG2 B . -3.70 -5.92 6.36
F27 NG2 B . -2.60 -6.95 7.93
F28 NG2 B . -1.87 -6.99 5.86
C29 NG2 B . -5.16 -8.08 6.03
C30 NG2 B . -1.76 -9.78 6.82
N31 NG2 B . -1.28 -10.85 6.23
C32 NG2 B . -0.26 -11.37 6.97
C33 NG2 B . 0.42 -12.55 6.29
N34 NG2 B . 0.72 -12.33 4.97
C35 NG2 B . -0.29 -11.76 4.27
C36 NG2 B . -0.89 -10.54 4.97
C37 NG2 B . 1.03 -13.44 4.38
C38 NG2 B . 2.51 -13.83 4.62
O39 NG2 B . -7.24 -7.19 4.04
#